data_8YGQ
#
_entry.id   8YGQ
#
_cell.length_a   122.303
_cell.length_b   61.774
_cell.length_c   80.361
_cell.angle_alpha   90.00
_cell.angle_beta   117.70
_cell.angle_gamma   90.00
#
_symmetry.space_group_name_H-M   'C 1 2 1'
#
loop_
_entity.id
_entity.type
_entity.pdbx_description
1 polymer 'Transcriptional enhancer factor TEF-4'
2 non-polymer 'PALMITIC ACID'
3 non-polymer [3,4-BIS(FLUORANYL)-2-[(2-FLUORANYL-4-IODANYL-PHENYL)AMINO]PHENYL]-[3-OXIDANYL-3-[(2S)-PIPERIDIN-2-YL]AZETIDIN-1-YL]METHANONE
#
_entity_poly.entity_id   1
_entity_poly.type   'polypeptide(L)'
_entity_poly.pdbx_seq_one_letter_code
;RGLGTARLQLVEFSAFVEPPDAVDSYQRHLFVHISQHCPSPGAPPLESVDVRQIYDKFPEKKGGLRELYDRGPPHAFFLV
KFWADLNWGPSGEEAGAGGSISSGGFYGVSSQYESLEHMTLTCSSKVCSFGKQVVEKVETERAQLEDGRFVYRLLRSPMC
EYLVNFLHKLRQLPERYMMNSVLENFTILQVVTNRDTQELLLCTAYVFEVSTSERGAQHHIYRLVR
;
_entity_poly.pdbx_strand_id   A,B
#
loop_
_chem_comp.id
_chem_comp.type
_chem_comp.name
_chem_comp.formula
EUI non-polymer [3,4-BIS(FLUORANYL)-2-[(2-FLUORANYL-4-IODANYL-PHENYL)AMINO]PHENYL]-[3-OXIDANYL-3-[(2S)-PIPERIDIN-2-YL]AZETIDIN-1-YL]METHANONE 'C21 H21 F3 I N3 O2'
PLM non-polymer 'PALMITIC ACID' 'C16 H32 O2'
#
# COMPACT_ATOMS: atom_id res chain seq x y z
N ARG A 1 -22.72 15.51 16.80
CA ARG A 1 -22.46 14.54 15.73
C ARG A 1 -21.85 13.24 16.30
N GLY A 2 -21.59 12.29 15.42
CA GLY A 2 -20.62 11.23 15.67
C GLY A 2 -19.51 11.41 14.65
N LEU A 3 -18.85 10.35 14.20
CA LEU A 3 -17.95 10.48 13.06
C LEU A 3 -18.74 10.19 11.77
N GLY A 4 -19.05 11.24 11.01
CA GLY A 4 -19.71 11.03 9.74
C GLY A 4 -20.24 12.32 9.12
N THR A 5 -21.00 12.14 8.03
CA THR A 5 -21.77 13.16 7.36
C THR A 5 -23.17 12.61 7.09
N ALA A 6 -24.02 13.39 6.41
CA ALA A 6 -25.36 12.90 6.09
C ALA A 6 -25.31 11.77 5.07
N ARG A 7 -24.27 11.73 4.24
CA ARG A 7 -24.15 10.68 3.24
C ARG A 7 -23.50 9.40 3.75
N LEU A 8 -22.76 9.44 4.87
CA LEU A 8 -21.96 8.29 5.30
C LEU A 8 -21.54 8.46 6.76
N GLN A 9 -21.79 7.45 7.58
CA GLN A 9 -21.38 7.48 8.96
C GLN A 9 -20.52 6.27 9.28
N LEU A 10 -19.47 6.48 10.07
CA LEU A 10 -18.69 5.39 10.64
C LEU A 10 -19.48 4.72 11.78
N VAL A 11 -19.70 3.41 11.70
CA VAL A 11 -20.42 2.68 12.72
C VAL A 11 -19.48 1.94 13.66
N GLU A 12 -18.39 1.44 13.10
CA GLU A 12 -17.46 0.64 13.88
C GLU A 12 -16.06 0.80 13.30
N PHE A 13 -15.08 0.98 14.18
CA PHE A 13 -13.71 0.88 13.75
C PHE A 13 -12.94 0.13 14.81
N SER A 14 -12.06 -0.78 14.38
CA SER A 14 -11.26 -1.52 15.34
C SER A 14 -9.98 -1.99 14.68
N ALA A 15 -8.88 -1.80 15.39
CA ALA A 15 -7.58 -2.37 15.02
C ALA A 15 -7.19 -3.28 16.16
N PHE A 16 -6.90 -4.55 15.82
CA PHE A 16 -6.82 -5.64 16.79
C PHE A 16 -5.73 -6.67 16.42
N VAL A 17 -5.34 -7.45 17.44
CA VAL A 17 -4.53 -8.65 17.24
C VAL A 17 -5.22 -9.84 17.89
N GLU A 18 -5.21 -10.97 17.18
CA GLU A 18 -5.75 -12.24 17.65
C GLU A 18 -4.63 -13.27 17.74
N PRO A 19 -4.63 -14.14 18.78
CA PRO A 19 -3.46 -14.96 19.11
C PRO A 19 -3.41 -16.29 18.37
N ARG A 28 -9.51 -11.86 21.66
CA ARG A 28 -8.81 -10.91 20.78
C ARG A 28 -8.43 -9.66 21.55
N HIS A 29 -7.32 -9.03 21.16
CA HIS A 29 -6.86 -7.80 21.78
C HIS A 29 -7.13 -6.62 20.85
N LEU A 30 -7.68 -5.54 21.41
CA LEU A 30 -8.04 -4.36 20.65
C LEU A 30 -7.05 -3.23 20.94
N PHE A 31 -6.19 -2.92 19.97
CA PHE A 31 -5.38 -1.71 20.10
C PHE A 31 -6.28 -0.48 20.14
N VAL A 32 -7.16 -0.33 19.14
CA VAL A 32 -8.05 0.83 19.15
C VAL A 32 -9.43 0.39 18.71
N HIS A 33 -10.44 1.12 19.19
CA HIS A 33 -11.83 0.74 19.01
C HIS A 33 -12.68 2.00 19.06
N ILE A 34 -13.56 2.15 18.08
CA ILE A 34 -14.69 3.07 18.10
C ILE A 34 -15.93 2.23 17.87
N SER A 35 -16.96 2.45 18.69
CA SER A 35 -18.27 1.84 18.51
C SER A 35 -19.33 2.93 18.50
N GLN A 36 -20.33 2.79 17.62
CA GLN A 36 -21.39 3.81 17.54
C GLN A 36 -22.77 3.22 17.20
N LEU A 46 -19.42 18.20 18.83
CA LEU A 46 -18.00 17.85 18.78
C LEU A 46 -17.18 19.09 18.55
N GLU A 47 -16.13 19.24 19.36
CA GLU A 47 -15.33 20.45 19.38
C GLU A 47 -14.43 20.52 18.15
N SER A 48 -14.22 21.73 17.65
CA SER A 48 -13.48 21.92 16.41
C SER A 48 -11.99 21.99 16.69
N VAL A 49 -11.24 21.24 15.90
CA VAL A 49 -9.79 21.40 15.82
C VAL A 49 -9.50 21.93 14.44
N ASP A 50 -8.41 22.67 14.35
CA ASP A 50 -8.17 23.54 13.21
C ASP A 50 -7.06 22.98 12.34
N VAL A 51 -7.37 22.77 11.06
CA VAL A 51 -6.64 21.82 10.21
C VAL A 51 -5.17 22.20 10.06
N ARG A 52 -4.86 23.48 10.12
CA ARG A 52 -3.45 23.91 9.89
C ARG A 52 -2.60 23.41 11.06
N GLN A 53 -3.23 23.26 12.23
CA GLN A 53 -2.54 22.80 13.42
C GLN A 53 -1.92 21.41 13.21
N ILE A 54 -2.25 20.72 12.12
CA ILE A 54 -1.66 19.40 11.93
C ILE A 54 -1.03 19.28 10.54
N TYR A 55 -0.89 20.40 9.83
CA TYR A 55 -0.38 20.37 8.45
C TYR A 55 1.01 19.74 8.36
N ASP A 56 1.86 20.03 9.35
CA ASP A 56 3.23 19.52 9.40
C ASP A 56 3.30 18.02 9.65
N LYS A 57 2.16 17.37 9.95
CA LYS A 57 2.13 15.94 10.27
C LYS A 57 1.92 15.03 9.05
N PHE A 58 1.45 15.56 7.92
CA PHE A 58 1.09 14.80 6.74
C PHE A 58 1.88 15.29 5.53
N PRO A 59 1.97 14.50 4.44
CA PRO A 59 2.78 14.91 3.28
C PRO A 59 2.27 16.16 2.60
N GLU A 60 2.96 16.65 1.56
CA GLU A 60 2.52 17.85 0.86
C GLU A 60 2.84 17.76 -0.63
N GLY A 63 -1.72 14.70 -2.01
CA GLY A 63 -1.63 13.59 -1.06
C GLY A 63 -1.51 14.09 0.38
N GLY A 64 -1.40 15.41 0.53
CA GLY A 64 -1.36 16.02 1.83
C GLY A 64 -2.69 16.62 2.22
N LEU A 65 -2.86 16.81 3.54
CA LEU A 65 -4.18 17.15 4.06
C LEU A 65 -4.68 18.49 3.53
N ARG A 66 -3.79 19.43 3.22
CA ARG A 66 -4.29 20.72 2.72
C ARG A 66 -4.95 20.55 1.36
N GLU A 67 -4.35 19.73 0.50
CA GLU A 67 -4.96 19.42 -0.78
C GLU A 67 -6.41 19.01 -0.60
N LEU A 68 -6.62 17.89 0.10
CA LEU A 68 -7.97 17.37 0.28
C LEU A 68 -8.89 18.39 0.92
N TYR A 69 -8.39 19.16 1.89
CA TYR A 69 -9.28 20.11 2.58
C TYR A 69 -9.76 21.20 1.63
N ASP A 70 -8.87 21.66 0.74
CA ASP A 70 -9.26 22.64 -0.27
C ASP A 70 -10.29 22.06 -1.23
N ARG A 71 -10.01 20.86 -1.76
CA ARG A 71 -10.96 20.07 -2.54
C ARG A 71 -12.37 20.17 -1.97
N GLY A 72 -12.50 20.29 -0.65
CA GLY A 72 -13.79 20.31 0.00
C GLY A 72 -14.45 18.95 -0.14
N PRO A 73 -15.60 18.75 0.52
CA PRO A 73 -16.26 19.64 1.48
C PRO A 73 -15.66 19.59 2.90
N PRO A 74 -15.33 20.77 3.43
CA PRO A 74 -14.72 20.84 4.78
C PRO A 74 -15.58 20.26 5.89
N HIS A 75 -16.88 20.05 5.68
CA HIS A 75 -17.70 19.38 6.70
C HIS A 75 -17.48 17.88 6.72
N ALA A 76 -16.68 17.35 5.79
CA ALA A 76 -16.37 15.94 5.73
C ALA A 76 -15.11 15.57 6.52
N PHE A 77 -14.33 16.52 7.00
CA PHE A 77 -13.02 16.23 7.56
C PHE A 77 -13.07 16.13 9.07
N PHE A 78 -12.48 15.08 9.59
CA PHE A 78 -12.46 14.84 11.01
C PHE A 78 -11.06 14.51 11.48
N LEU A 79 -10.81 14.76 12.76
CA LEU A 79 -9.61 14.31 13.46
C LEU A 79 -10.01 13.41 14.62
N VAL A 80 -9.34 12.27 14.76
CA VAL A 80 -9.52 11.39 15.91
C VAL A 80 -8.18 11.32 16.62
N LYS A 81 -8.20 11.48 17.94
CA LYS A 81 -7.01 11.22 18.73
C LYS A 81 -7.23 9.90 19.46
N PHE A 82 -6.39 8.93 19.16
CA PHE A 82 -6.39 7.66 19.86
C PHE A 82 -5.37 7.68 20.99
N TRP A 83 -5.80 7.22 22.16
CA TRP A 83 -4.90 6.71 23.20
C TRP A 83 -5.06 5.20 23.11
N ALA A 84 -4.10 4.55 22.45
CA ALA A 84 -4.16 3.12 22.19
C ALA A 84 -3.66 2.32 23.39
N ASP A 85 -3.98 1.03 23.37
CA ASP A 85 -3.64 0.10 24.44
C ASP A 85 -2.71 -0.95 23.86
N LEU A 86 -1.45 -0.94 24.29
CA LEU A 86 -0.43 -1.83 23.74
C LEU A 86 -0.10 -3.00 24.66
N ASN A 87 -0.95 -3.30 25.64
CA ASN A 87 -0.64 -4.32 26.64
C ASN A 87 -1.16 -5.65 26.11
N TRP A 88 -0.27 -6.50 25.59
CA TRP A 88 -0.62 -7.88 25.21
C TRP A 88 0.62 -8.77 25.07
N GLY A 105 0.50 -14.32 15.25
CA GLY A 105 -0.84 -13.79 15.45
C GLY A 105 -1.45 -13.22 14.18
N PHE A 106 -2.68 -12.70 14.26
CA PHE A 106 -3.31 -12.05 13.11
C PHE A 106 -3.63 -10.59 13.45
N TYR A 107 -3.11 -9.69 12.63
CA TYR A 107 -3.18 -8.24 12.84
C TYR A 107 -4.19 -7.67 11.86
N GLY A 108 -5.32 -7.21 12.37
CA GLY A 108 -6.45 -6.92 11.53
C GLY A 108 -7.05 -5.55 11.78
N VAL A 109 -7.63 -5.00 10.72
CA VAL A 109 -8.39 -3.77 10.79
C VAL A 109 -9.79 -4.07 10.26
N SER A 110 -10.81 -3.67 11.02
CA SER A 110 -12.21 -3.76 10.61
C SER A 110 -12.86 -2.38 10.72
N SER A 111 -13.34 -1.86 9.59
CA SER A 111 -14.20 -0.69 9.54
C SER A 111 -15.61 -1.07 9.11
N GLN A 112 -16.59 -0.26 9.49
CA GLN A 112 -17.96 -0.53 9.06
C GLN A 112 -18.70 0.80 9.00
N TYR A 113 -19.21 1.13 7.82
CA TYR A 113 -19.91 2.37 7.52
C TYR A 113 -21.37 2.10 7.13
N GLU A 114 -22.11 3.20 7.00
CA GLU A 114 -23.55 3.22 6.86
C GLU A 114 -23.90 4.31 5.87
N SER A 115 -25.00 4.11 5.15
CA SER A 115 -25.50 5.14 4.25
C SER A 115 -26.95 4.85 3.89
N LEU A 116 -27.61 5.85 3.31
CA LEU A 116 -28.96 5.72 2.78
C LEU A 116 -29.00 5.64 1.27
N GLU A 117 -27.96 6.07 0.58
CA GLU A 117 -27.80 5.85 -0.86
C GLU A 117 -26.98 4.59 -1.08
N HIS A 118 -27.23 3.91 -2.21
CA HIS A 118 -26.47 2.72 -2.57
C HIS A 118 -25.20 3.17 -3.27
N MET A 119 -24.07 2.94 -2.63
CA MET A 119 -22.83 3.48 -3.16
C MET A 119 -21.80 2.36 -3.28
N THR A 120 -20.67 2.68 -3.89
CA THR A 120 -19.49 1.85 -3.79
C THR A 120 -18.35 2.71 -3.28
N LEU A 121 -17.83 2.36 -2.12
CA LEU A 121 -16.81 3.18 -1.49
C LEU A 121 -15.42 2.74 -1.91
N THR A 122 -14.56 3.71 -2.17
CA THR A 122 -13.11 3.51 -2.17
C THR A 122 -12.57 4.07 -0.86
N CYS A 123 -11.99 3.21 -0.03
CA CYS A 123 -11.40 3.64 1.21
C CYS A 123 -9.89 3.62 1.05
N SER A 124 -9.23 4.73 1.33
CA SER A 124 -7.78 4.78 1.24
C SER A 124 -7.21 5.11 2.61
N SER A 125 -6.31 4.25 3.11
CA SER A 125 -5.48 4.57 4.26
C SER A 125 -4.13 5.03 3.74
N LYS A 126 -3.52 5.98 4.44
CA LYS A 126 -2.12 6.34 4.22
C LYS A 126 -1.47 6.41 5.58
N VAL A 127 -0.41 5.67 5.78
CA VAL A 127 0.37 5.77 7.01
C VAL A 127 1.56 6.66 6.72
N CYS A 128 1.75 7.67 7.56
CA CYS A 128 2.81 8.66 7.42
C CYS A 128 3.69 8.61 8.65
N SER A 129 5.00 8.74 8.42
CA SER A 129 5.97 8.74 9.49
C SER A 129 6.95 9.89 9.24
N PHE A 130 7.00 10.84 10.17
CA PHE A 130 7.78 12.07 9.99
C PHE A 130 7.34 12.82 8.73
N GLY A 131 6.07 12.72 8.36
CA GLY A 131 5.53 13.48 7.24
C GLY A 131 5.72 12.85 5.88
N LYS A 132 6.68 11.96 5.72
CA LYS A 132 6.78 11.17 4.51
C LYS A 132 5.77 10.04 4.57
N GLN A 133 5.13 9.79 3.42
CA GLN A 133 4.07 8.79 3.33
C GLN A 133 4.75 7.44 3.16
N VAL A 134 4.64 6.56 4.16
CA VAL A 134 5.35 5.29 4.11
C VAL A 134 4.47 4.10 3.72
N VAL A 135 3.15 4.20 3.82
CA VAL A 135 2.32 3.18 3.18
C VAL A 135 1.01 3.80 2.72
N GLU A 136 0.47 3.25 1.63
CA GLU A 136 -0.87 3.58 1.21
C GLU A 136 -1.60 2.28 0.86
N LYS A 137 -2.72 2.03 1.53
CA LYS A 137 -3.51 0.83 1.35
C LYS A 137 -4.87 1.24 0.80
N VAL A 138 -5.31 0.64 -0.30
CA VAL A 138 -6.50 1.10 -1.03
C VAL A 138 -7.47 -0.06 -1.24
N GLU A 139 -8.67 0.03 -0.64
CA GLU A 139 -9.69 -1.00 -0.78
C GLU A 139 -11.00 -0.42 -1.28
N THR A 140 -11.88 -1.29 -1.77
CA THR A 140 -13.22 -0.85 -2.10
C THR A 140 -14.23 -1.86 -1.55
N GLU A 141 -15.39 -1.31 -1.17
CA GLU A 141 -16.48 -2.12 -0.65
C GLU A 141 -17.75 -1.58 -1.26
N ARG A 142 -18.59 -2.48 -1.76
CA ARG A 142 -19.87 -2.13 -2.35
C ARG A 142 -20.98 -2.36 -1.33
N ALA A 143 -22.08 -1.62 -1.49
CA ALA A 143 -23.07 -1.53 -0.44
C ALA A 143 -23.82 -2.84 -0.28
N GLN A 144 -24.07 -3.24 0.96
CA GLN A 144 -24.99 -4.34 1.23
C GLN A 144 -26.26 -3.79 1.87
N LEU A 145 -27.42 -4.20 1.35
CA LEU A 145 -28.70 -3.84 1.97
C LEU A 145 -28.90 -4.58 3.28
N GLU A 146 -29.36 -3.86 4.31
CA GLU A 146 -29.55 -4.44 5.62
C GLU A 146 -30.36 -3.52 6.53
N ASP A 147 -31.47 -4.05 7.04
CA ASP A 147 -32.34 -3.35 7.99
C ASP A 147 -32.75 -1.97 7.48
N GLY A 148 -33.08 -1.89 6.19
CA GLY A 148 -33.52 -0.63 5.62
C GLY A 148 -32.45 0.41 5.36
N ARG A 149 -31.18 0.09 5.58
CA ARG A 149 -30.06 0.99 5.29
C ARG A 149 -29.00 0.22 4.49
N PHE A 150 -27.93 0.91 4.08
CA PHE A 150 -26.80 0.25 3.44
C PHE A 150 -25.60 0.18 4.40
N VAL A 151 -25.06 -1.02 4.56
CA VAL A 151 -23.84 -1.24 5.35
C VAL A 151 -22.69 -1.52 4.40
N TYR A 152 -21.55 -0.93 4.73
CA TYR A 152 -20.30 -1.17 4.03
C TYR A 152 -19.33 -1.71 5.05
N ARG A 153 -19.01 -2.99 4.96
CA ARG A 153 -18.21 -3.68 5.97
C ARG A 153 -16.87 -4.05 5.34
N LEU A 154 -15.78 -3.46 5.85
CA LEU A 154 -14.43 -3.80 5.41
C LEU A 154 -13.75 -4.44 6.61
N LEU A 155 -13.93 -5.75 6.75
CA LEU A 155 -13.61 -6.43 7.99
C LEU A 155 -12.38 -7.32 7.80
N ARG A 156 -11.48 -7.30 8.79
CA ARG A 156 -10.27 -8.16 8.86
C ARG A 156 -9.26 -7.89 7.75
N SER A 157 -9.10 -6.63 7.29
CA SER A 157 -7.96 -6.37 6.41
C SER A 157 -6.71 -6.77 7.17
N PRO A 158 -5.82 -7.56 6.57
CA PRO A 158 -4.50 -7.74 7.18
C PRO A 158 -3.87 -6.38 7.37
N MET A 159 -3.65 -5.99 8.62
CA MET A 159 -2.83 -4.84 8.96
C MET A 159 -1.51 -4.88 8.19
N CYS A 160 -1.18 -3.78 7.50
CA CYS A 160 0.01 -3.82 6.65
C CYS A 160 1.24 -4.18 7.47
N GLU A 161 2.24 -4.75 6.81
CA GLU A 161 3.34 -5.33 7.57
C GLU A 161 4.18 -4.28 8.27
N TYR A 162 4.28 -3.08 7.68
CA TYR A 162 4.97 -1.98 8.33
C TYR A 162 4.40 -1.71 9.72
N LEU A 163 3.06 -1.62 9.81
CA LEU A 163 2.42 -1.35 11.09
C LEU A 163 2.69 -2.45 12.11
N VAL A 164 2.80 -3.71 11.67
CA VAL A 164 3.00 -4.79 12.64
C VAL A 164 4.43 -4.79 13.18
N ASN A 165 5.41 -4.58 12.28
CA ASN A 165 6.79 -4.43 12.75
C ASN A 165 6.91 -3.24 13.68
N PHE A 166 6.28 -2.13 13.30
CA PHE A 166 6.28 -0.95 14.13
C PHE A 166 5.72 -1.26 15.50
N LEU A 167 4.62 -2.03 15.55
CA LEU A 167 3.95 -2.31 16.82
C LEU A 167 4.82 -3.15 17.73
N HIS A 168 5.52 -4.14 17.18
CA HIS A 168 6.40 -4.92 18.03
C HIS A 168 7.53 -4.05 18.60
N LYS A 169 8.20 -3.31 17.73
CA LYS A 169 9.25 -2.41 18.20
C LYS A 169 8.72 -1.46 19.26
N LEU A 170 7.58 -0.84 18.98
CA LEU A 170 6.99 0.09 19.92
C LEU A 170 6.76 -0.59 21.26
N ARG A 171 6.31 -1.83 21.22
CA ARG A 171 5.95 -2.49 22.46
C ARG A 171 7.18 -2.78 23.31
N GLN A 172 8.34 -3.06 22.68
CA GLN A 172 9.48 -3.38 23.55
C GLN A 172 10.09 -2.13 24.22
N LEU A 173 9.57 -0.93 24.00
CA LEU A 173 10.08 0.24 24.71
C LEU A 173 9.79 0.13 26.22
N PRO A 174 10.60 0.80 27.07
CA PRO A 174 10.44 0.62 28.53
C PRO A 174 9.62 1.68 29.26
N GLU A 175 9.15 2.74 28.59
CA GLU A 175 8.45 3.82 29.26
C GLU A 175 7.39 4.40 28.34
N ARG A 176 6.21 4.67 28.90
CA ARG A 176 5.13 5.27 28.12
C ARG A 176 5.57 6.59 27.48
N TYR A 177 6.40 7.38 28.15
CA TYR A 177 6.77 8.65 27.54
C TYR A 177 7.64 8.43 26.32
N MET A 178 8.41 7.34 26.28
CA MET A 178 9.22 7.07 25.10
C MET A 178 8.35 6.64 23.92
N MET A 179 7.38 5.74 24.19
CA MET A 179 6.39 5.42 23.17
C MET A 179 5.77 6.69 22.61
N ASN A 180 5.39 7.61 23.50
CA ASN A 180 4.64 8.75 23.01
C ASN A 180 5.53 9.68 22.21
N SER A 181 6.81 9.82 22.60
CA SER A 181 7.73 10.61 21.78
C SER A 181 7.84 10.03 20.39
N VAL A 182 8.10 8.72 20.31
CA VAL A 182 8.07 8.04 19.02
C VAL A 182 6.80 8.40 18.25
N LEU A 183 5.64 8.26 18.91
CA LEU A 183 4.36 8.31 18.20
C LEU A 183 3.96 9.72 17.78
N GLU A 184 4.59 10.73 18.36
CA GLU A 184 4.34 12.09 17.88
C GLU A 184 4.60 12.26 16.37
N ASN A 185 5.39 11.36 15.76
CA ASN A 185 5.76 11.49 14.34
C ASN A 185 5.02 10.51 13.45
N PHE A 186 4.00 9.84 13.95
CA PHE A 186 3.31 8.80 13.20
C PHE A 186 1.83 9.14 13.17
N THR A 187 1.27 9.15 11.95
CA THR A 187 -0.11 9.56 11.74
C THR A 187 -0.70 8.72 10.63
N ILE A 188 -2.02 8.55 10.66
CA ILE A 188 -2.73 7.84 9.60
C ILE A 188 -3.78 8.77 9.07
N LEU A 189 -4.02 8.71 7.76
CA LEU A 189 -4.99 9.57 7.07
C LEU A 189 -5.92 8.69 6.25
N GLN A 190 -7.23 8.76 6.49
CA GLN A 190 -8.21 7.96 5.75
C GLN A 190 -9.08 8.85 4.88
N VAL A 191 -9.19 8.52 3.59
CA VAL A 191 -10.11 9.20 2.69
C VAL A 191 -11.06 8.17 2.08
N VAL A 192 -12.32 8.21 2.49
CA VAL A 192 -13.38 7.47 1.81
C VAL A 192 -13.96 8.36 0.73
N THR A 193 -14.03 7.83 -0.49
CA THR A 193 -14.70 8.54 -1.56
C THR A 193 -15.69 7.60 -2.23
N ASN A 194 -16.69 8.22 -2.85
CA ASN A 194 -17.59 7.48 -3.72
C ASN A 194 -16.80 6.99 -4.92
N ARG A 195 -16.86 5.69 -5.20
CA ARG A 195 -16.05 5.20 -6.30
C ARG A 195 -16.56 5.70 -7.64
N ASP A 196 -17.87 5.66 -7.85
CA ASP A 196 -18.38 5.95 -9.19
C ASP A 196 -18.32 7.44 -9.52
N THR A 197 -18.24 8.32 -8.54
CA THR A 197 -18.24 9.73 -8.87
C THR A 197 -16.94 10.44 -8.59
N GLN A 198 -16.11 9.92 -7.69
CA GLN A 198 -14.86 10.50 -7.18
C GLN A 198 -15.10 11.56 -6.10
N GLU A 199 -16.35 11.87 -5.75
CA GLU A 199 -16.65 12.73 -4.61
C GLU A 199 -15.95 12.22 -3.36
N LEU A 200 -15.32 13.12 -2.61
CA LEU A 200 -14.92 12.77 -1.27
C LEU A 200 -16.15 12.67 -0.38
N LEU A 201 -16.20 11.66 0.49
CA LEU A 201 -17.29 11.53 1.44
C LEU A 201 -16.87 11.63 2.89
N LEU A 202 -15.58 11.59 3.18
CA LEU A 202 -15.11 11.38 4.54
C LEU A 202 -13.60 11.44 4.53
N CYS A 203 -13.03 12.03 5.58
CA CYS A 203 -11.58 12.20 5.63
C CYS A 203 -11.11 12.29 7.07
N THR A 204 -10.49 11.24 7.59
CA THR A 204 -10.11 11.21 9.01
C THR A 204 -8.60 11.17 9.16
N ALA A 205 -8.08 12.12 9.92
CA ALA A 205 -6.71 12.06 10.38
C ALA A 205 -6.69 11.41 11.76
N TYR A 206 -5.78 10.45 11.95
CA TYR A 206 -5.61 9.80 13.25
C TYR A 206 -4.28 10.20 13.88
N VAL A 207 -4.30 10.56 15.16
CA VAL A 207 -3.09 10.81 15.91
C VAL A 207 -3.08 9.88 17.11
N PHE A 208 -1.88 9.67 17.66
CA PHE A 208 -1.65 8.47 18.45
C PHE A 208 -0.83 8.74 19.70
N GLU A 209 -1.30 8.16 20.81
CA GLU A 209 -0.50 8.04 22.02
C GLU A 209 -0.85 6.70 22.66
N VAL A 210 -0.13 6.39 23.73
CA VAL A 210 -0.34 5.18 24.52
C VAL A 210 -0.95 5.56 25.84
N SER A 211 -1.87 4.75 26.36
CA SER A 211 -2.47 5.00 27.66
C SER A 211 -1.80 4.16 28.73
N THR A 212 -2.04 4.54 29.98
CA THR A 212 -1.44 3.82 31.09
C THR A 212 -2.05 2.43 31.21
N SER A 213 -1.32 1.56 31.91
CA SER A 213 -1.74 0.16 32.03
C SER A 213 -3.12 0.03 32.65
N GLU A 214 -3.47 0.92 33.58
CA GLU A 214 -4.80 0.86 34.19
C GLU A 214 -5.87 1.22 33.16
N ARG A 215 -6.03 2.50 32.84
CA ARG A 215 -6.99 2.91 31.82
C ARG A 215 -6.81 2.09 30.54
N GLY A 216 -7.91 1.88 29.83
CA GLY A 216 -7.87 1.23 28.54
C GLY A 216 -7.84 2.25 27.41
N ALA A 217 -8.10 1.73 26.19
CA ALA A 217 -8.19 2.57 25.01
C ALA A 217 -9.15 3.73 25.25
N GLN A 218 -8.87 4.87 24.64
CA GLN A 218 -9.80 5.99 24.67
C GLN A 218 -9.56 6.83 23.43
N HIS A 219 -10.52 7.67 23.07
CA HIS A 219 -10.37 8.42 21.84
C HIS A 219 -11.21 9.68 21.86
N HIS A 220 -11.00 10.52 20.87
CA HIS A 220 -11.69 11.81 20.84
C HIS A 220 -11.82 12.26 19.39
N ILE A 221 -13.04 12.33 18.88
CA ILE A 221 -13.30 12.79 17.54
C ILE A 221 -13.42 14.29 17.61
N TYR A 222 -13.08 14.97 16.52
CA TYR A 222 -12.95 16.42 16.44
C TYR A 222 -13.31 16.80 15.02
N ARG A 223 -13.95 17.94 14.84
CA ARG A 223 -14.20 18.40 13.49
C ARG A 223 -12.96 19.15 13.02
N LEU A 224 -12.58 18.94 11.77
CA LEU A 224 -11.47 19.69 11.22
C LEU A 224 -12.03 20.93 10.55
N VAL A 225 -11.66 22.10 11.05
CA VAL A 225 -12.17 23.37 10.57
C VAL A 225 -11.00 24.27 10.22
N ARG A 226 -11.34 25.38 9.57
CA ARG A 226 -10.37 26.33 9.04
C ARG A 226 -11.08 27.60 8.56
N ARG B 1 8.67 -21.75 -15.71
CA ARG B 1 8.96 -21.42 -17.12
C ARG B 1 8.68 -19.99 -17.58
N GLY B 2 7.65 -19.37 -17.01
CA GLY B 2 7.44 -17.95 -17.18
C GLY B 2 7.30 -17.39 -15.80
N LEU B 3 6.88 -16.15 -15.65
CA LEU B 3 6.70 -15.57 -14.33
C LEU B 3 5.26 -15.80 -13.92
N GLY B 4 5.02 -16.85 -13.15
CA GLY B 4 3.67 -17.14 -12.69
C GLY B 4 3.49 -18.62 -12.47
N THR B 5 2.30 -18.98 -11.98
CA THR B 5 1.96 -20.32 -11.56
C THR B 5 0.66 -20.73 -12.28
N ALA B 6 0.15 -21.94 -11.96
CA ALA B 6 -1.10 -22.36 -12.58
C ALA B 6 -2.28 -21.56 -12.07
N ARG B 7 -2.14 -20.91 -10.92
CA ARG B 7 -3.22 -20.17 -10.31
C ARG B 7 -3.24 -18.71 -10.73
N LEU B 8 -2.09 -18.17 -11.11
CA LEU B 8 -1.98 -16.75 -11.40
C LEU B 8 -0.76 -16.55 -12.27
N GLN B 9 -0.95 -16.02 -13.47
CA GLN B 9 0.12 -15.76 -14.41
C GLN B 9 0.21 -14.27 -14.59
N LEU B 10 1.44 -13.76 -14.63
CA LEU B 10 1.67 -12.36 -14.96
C LEU B 10 1.61 -12.21 -16.47
N VAL B 11 0.59 -11.54 -16.97
CA VAL B 11 0.52 -11.31 -18.41
C VAL B 11 1.51 -10.23 -18.82
N GLU B 12 1.42 -9.06 -18.18
CA GLU B 12 2.24 -7.94 -18.60
C GLU B 12 2.55 -7.04 -17.41
N PHE B 13 3.74 -6.47 -17.40
CA PHE B 13 4.08 -5.44 -16.42
C PHE B 13 4.92 -4.38 -17.11
N SER B 14 4.75 -3.14 -16.66
CA SER B 14 5.55 -2.09 -17.29
C SER B 14 5.52 -0.81 -16.46
N ALA B 15 6.67 -0.18 -16.32
CA ALA B 15 6.75 1.13 -15.68
C ALA B 15 7.25 2.11 -16.72
N PHE B 16 6.60 3.26 -16.84
CA PHE B 16 6.80 4.07 -18.04
C PHE B 16 6.65 5.55 -17.72
N VAL B 17 7.05 6.39 -18.70
CA VAL B 17 6.73 7.83 -18.71
C VAL B 17 6.26 8.30 -20.10
N GLU B 18 5.16 9.08 -20.12
CA GLU B 18 4.62 9.77 -21.30
C GLU B 18 4.88 11.26 -21.16
N PRO B 19 5.60 11.91 -22.07
CA PRO B 19 5.95 13.33 -21.89
C PRO B 19 4.73 14.22 -22.04
N PRO B 20 4.79 15.46 -21.55
CA PRO B 20 3.55 16.26 -21.43
C PRO B 20 2.95 16.66 -22.76
N ASP B 21 3.69 16.49 -23.85
CA ASP B 21 3.20 16.71 -25.20
C ASP B 21 2.69 15.43 -25.86
N ALA B 22 2.53 14.34 -25.10
CA ALA B 22 2.01 13.12 -25.73
C ALA B 22 0.57 13.27 -26.21
N VAL B 23 -0.11 14.37 -25.87
CA VAL B 23 -1.42 14.68 -26.43
C VAL B 23 -1.33 15.09 -27.90
N ASP B 24 -0.16 15.55 -28.35
CA ASP B 24 0.06 15.87 -29.77
C ASP B 24 0.51 14.62 -30.53
N SER B 25 1.72 14.17 -30.27
CA SER B 25 2.19 12.89 -30.74
C SER B 25 2.36 12.00 -29.52
N TYR B 26 1.60 10.91 -29.46
CA TYR B 26 1.74 9.97 -28.35
C TYR B 26 3.12 9.32 -28.38
N GLN B 27 3.72 9.21 -27.20
CA GLN B 27 4.92 8.40 -27.01
C GLN B 27 4.95 8.00 -25.54
N ARG B 28 5.58 6.87 -25.27
CA ARG B 28 5.78 6.43 -23.91
C ARG B 28 7.16 5.82 -23.83
N HIS B 29 7.87 6.14 -22.76
CA HIS B 29 9.20 5.58 -22.54
C HIS B 29 9.06 4.47 -21.53
N LEU B 30 9.67 3.32 -21.81
CA LEU B 30 9.60 2.20 -20.89
C LEU B 30 10.86 2.15 -20.03
N PHE B 31 10.73 2.44 -18.74
CA PHE B 31 11.82 2.12 -17.83
C PHE B 31 12.06 0.61 -17.78
N VAL B 32 11.00 -0.17 -17.55
CA VAL B 32 11.11 -1.62 -17.46
C VAL B 32 9.83 -2.20 -18.02
N HIS B 33 9.91 -3.43 -18.49
CA HIS B 33 8.79 -3.98 -19.23
C HIS B 33 8.91 -5.49 -19.36
N ILE B 34 7.91 -6.22 -18.89
CA ILE B 34 7.79 -7.65 -19.12
C ILE B 34 6.52 -7.88 -19.91
N SER B 35 6.62 -8.61 -21.00
CA SER B 35 5.44 -8.99 -21.75
C SER B 35 5.40 -10.49 -21.80
N GLN B 36 4.23 -11.09 -21.62
CA GLN B 36 4.19 -12.55 -21.62
C GLN B 36 2.96 -13.11 -22.32
N ALA B 43 10.08 -23.36 -25.07
CA ALA B 43 9.70 -23.86 -23.75
C ALA B 43 10.89 -24.28 -22.83
N PRO B 44 11.86 -23.39 -22.55
CA PRO B 44 12.89 -23.74 -21.54
C PRO B 44 12.34 -23.60 -20.13
N PRO B 45 12.91 -24.31 -19.16
CA PRO B 45 12.68 -23.97 -17.75
C PRO B 45 13.60 -22.85 -17.28
N LEU B 46 13.23 -22.22 -16.17
CA LEU B 46 13.90 -21.03 -15.69
C LEU B 46 15.07 -21.37 -14.76
N GLU B 47 16.10 -20.53 -14.80
CA GLU B 47 17.25 -20.68 -13.91
C GLU B 47 16.82 -20.49 -12.47
N SER B 48 17.67 -20.92 -11.54
CA SER B 48 17.37 -20.75 -10.12
C SER B 48 18.32 -19.78 -9.46
N VAL B 49 17.86 -19.22 -8.34
CA VAL B 49 18.68 -18.40 -7.47
C VAL B 49 18.26 -18.71 -6.03
N ASP B 50 19.24 -18.86 -5.13
CA ASP B 50 18.96 -19.30 -3.77
C ASP B 50 18.45 -18.15 -2.95
N VAL B 51 17.26 -18.28 -2.40
CA VAL B 51 16.58 -17.14 -1.81
C VAL B 51 17.38 -16.51 -0.66
N ARG B 52 18.12 -17.30 0.13
CA ARG B 52 18.88 -16.71 1.24
C ARG B 52 19.94 -15.74 0.75
N GLN B 53 20.48 -15.98 -0.43
CA GLN B 53 21.45 -15.11 -1.05
C GLN B 53 20.92 -13.69 -1.26
N ILE B 54 19.65 -13.43 -0.98
CA ILE B 54 19.14 -12.08 -1.18
C ILE B 54 18.29 -11.71 0.03
N TYR B 55 18.33 -12.57 1.05
CA TYR B 55 17.56 -12.29 2.27
C TYR B 55 17.82 -10.88 2.78
N ASP B 56 19.10 -10.52 2.87
CA ASP B 56 19.48 -9.24 3.48
C ASP B 56 18.99 -8.05 2.67
N LYS B 57 18.66 -8.26 1.40
CA LYS B 57 18.24 -7.21 0.48
C LYS B 57 16.76 -6.89 0.57
N PHE B 58 16.03 -7.52 1.49
CA PHE B 58 14.59 -7.35 1.62
C PHE B 58 14.24 -7.30 3.11
N PRO B 59 13.04 -6.74 3.46
CA PRO B 59 12.80 -6.19 4.83
C PRO B 59 12.39 -7.18 5.93
N GLU B 60 13.36 -7.96 6.42
CA GLU B 60 13.25 -8.98 7.47
C GLU B 60 11.93 -9.04 8.25
N LYS B 61 11.96 -8.84 9.57
CA LYS B 61 10.89 -9.15 10.52
C LYS B 61 9.66 -9.82 9.92
N LYS B 62 8.71 -9.04 9.39
CA LYS B 62 7.41 -9.55 8.94
C LYS B 62 7.11 -9.09 7.51
N GLY B 63 6.71 -10.02 6.65
CA GLY B 63 6.52 -9.72 5.25
C GLY B 63 7.80 -9.56 4.46
N GLY B 64 8.97 -9.78 5.09
CA GLY B 64 10.21 -9.90 4.38
C GLY B 64 10.33 -11.28 3.77
N LEU B 65 11.46 -11.52 3.12
CA LEU B 65 11.57 -12.68 2.23
C LEU B 65 11.50 -13.98 3.01
N ARG B 66 12.28 -14.12 4.08
CA ARG B 66 12.37 -15.40 4.77
C ARG B 66 11.00 -15.86 5.27
N GLU B 67 10.25 -14.96 5.93
CA GLU B 67 8.95 -15.32 6.46
C GLU B 67 7.98 -15.66 5.34
N LEU B 68 7.97 -14.84 4.29
CA LEU B 68 7.09 -15.10 3.15
C LEU B 68 7.37 -16.47 2.56
N TYR B 69 8.63 -16.75 2.23
CA TYR B 69 9.01 -18.07 1.72
C TYR B 69 8.60 -19.18 2.69
N ASP B 70 8.78 -18.97 3.98
CA ASP B 70 8.39 -19.98 4.96
C ASP B 70 6.89 -20.24 4.88
N ARG B 71 6.12 -19.17 4.63
CA ARG B 71 4.68 -19.27 4.40
C ARG B 71 4.36 -20.07 3.14
N GLY B 72 5.23 -20.01 2.15
CA GLY B 72 5.01 -20.69 0.89
C GLY B 72 3.75 -20.20 0.22
N PRO B 73 3.34 -20.88 -0.85
CA PRO B 73 3.97 -22.05 -1.48
C PRO B 73 5.31 -21.72 -2.08
N PRO B 74 6.24 -22.67 -2.07
CA PRO B 74 7.60 -22.35 -2.52
C PRO B 74 7.70 -22.03 -4.00
N HIS B 75 6.80 -22.57 -4.81
CA HIS B 75 6.89 -22.41 -6.25
C HIS B 75 6.32 -21.07 -6.70
N ALA B 76 5.80 -20.25 -5.79
CA ALA B 76 5.27 -18.95 -6.18
C ALA B 76 6.35 -17.86 -6.24
N PHE B 77 7.61 -18.18 -5.96
CA PHE B 77 8.63 -17.17 -5.77
C PHE B 77 9.57 -17.07 -6.98
N PHE B 78 9.68 -15.85 -7.53
CA PHE B 78 10.51 -15.54 -8.69
C PHE B 78 11.35 -14.29 -8.42
N LEU B 79 12.59 -14.29 -8.91
CA LEU B 79 13.45 -13.12 -8.87
C LEU B 79 13.51 -12.52 -10.26
N VAL B 80 13.50 -11.19 -10.36
CA VAL B 80 13.57 -10.57 -11.68
C VAL B 80 14.70 -9.55 -11.64
N LYS B 81 15.64 -9.69 -12.56
CA LYS B 81 16.76 -8.76 -12.66
C LYS B 81 16.45 -7.82 -13.82
N PHE B 82 16.47 -6.53 -13.53
CA PHE B 82 16.05 -5.49 -14.46
C PHE B 82 17.26 -4.66 -14.88
N TRP B 83 17.39 -4.45 -16.17
CA TRP B 83 18.24 -3.41 -16.73
C TRP B 83 17.28 -2.29 -17.13
N ALA B 84 17.30 -1.20 -16.38
CA ALA B 84 16.41 -0.08 -16.62
C ALA B 84 16.96 0.87 -17.69
N ASP B 85 16.06 1.37 -18.53
CA ASP B 85 16.40 2.38 -19.52
C ASP B 85 16.06 3.77 -18.94
N LEU B 86 17.09 4.51 -18.52
CA LEU B 86 16.95 5.87 -17.99
C LEU B 86 17.30 6.95 -19.02
N ASN B 87 16.97 6.76 -20.30
CA ASN B 87 17.32 7.68 -21.37
C ASN B 87 16.05 8.24 -22.02
N TRP B 88 15.44 9.25 -21.39
CA TRP B 88 14.20 9.81 -21.97
C TRP B 88 14.16 11.35 -22.07
N GLY B 105 5.61 15.58 -17.19
CA GLY B 105 5.22 14.30 -17.77
C GLY B 105 4.38 13.42 -16.84
N PHE B 106 3.83 12.31 -17.36
CA PHE B 106 3.05 11.36 -16.56
C PHE B 106 3.86 10.09 -16.37
N TYR B 107 4.07 9.71 -15.11
CA TYR B 107 4.78 8.49 -14.74
C TYR B 107 3.80 7.44 -14.28
N GLY B 108 3.85 6.25 -14.89
CA GLY B 108 2.85 5.25 -14.67
C GLY B 108 3.47 3.88 -14.43
N VAL B 109 2.65 3.00 -13.85
CA VAL B 109 2.89 1.56 -13.74
C VAL B 109 1.61 0.83 -14.13
N SER B 110 1.75 -0.24 -14.91
CA SER B 110 0.61 -1.06 -15.29
C SER B 110 0.97 -2.53 -15.11
N SER B 111 -0.02 -3.30 -14.70
CA SER B 111 0.16 -4.72 -14.45
C SER B 111 -1.09 -5.46 -14.90
N GLN B 112 -0.88 -6.69 -15.34
CA GLN B 112 -2.00 -7.47 -15.80
C GLN B 112 -1.69 -8.93 -15.56
N TYR B 113 -2.57 -9.56 -14.78
CA TYR B 113 -2.51 -10.94 -14.35
C TYR B 113 -3.75 -11.67 -14.87
N GLU B 114 -3.66 -13.00 -14.93
CA GLU B 114 -4.82 -13.74 -15.37
C GLU B 114 -4.87 -15.10 -14.69
N SER B 115 -6.09 -15.63 -14.60
CA SER B 115 -6.32 -16.79 -13.77
C SER B 115 -7.41 -17.66 -14.37
N LEU B 116 -7.38 -18.95 -14.01
CA LEU B 116 -8.54 -19.79 -14.28
C LEU B 116 -9.63 -19.56 -13.26
N GLU B 117 -9.28 -19.20 -12.03
CA GLU B 117 -10.32 -19.00 -11.05
C GLU B 117 -10.58 -17.51 -10.81
N HIS B 118 -11.80 -17.26 -10.36
CA HIS B 118 -12.29 -15.93 -10.00
C HIS B 118 -11.85 -15.63 -8.57
N MET B 119 -10.91 -14.68 -8.41
CA MET B 119 -10.49 -14.26 -7.08
C MET B 119 -10.59 -12.75 -6.98
N THR B 120 -10.46 -12.26 -5.76
CA THR B 120 -10.05 -10.87 -5.53
C THR B 120 -8.59 -10.91 -5.12
N LEU B 121 -7.74 -10.24 -5.90
CA LEU B 121 -6.31 -10.14 -5.59
C LEU B 121 -6.04 -8.95 -4.67
N THR B 122 -5.08 -9.11 -3.77
CA THR B 122 -4.42 -7.99 -3.10
C THR B 122 -2.99 -7.91 -3.63
N CYS B 123 -2.54 -6.73 -4.03
CA CYS B 123 -1.21 -6.56 -4.58
C CYS B 123 -0.48 -5.54 -3.74
N SER B 124 0.65 -5.96 -3.18
CA SER B 124 1.51 -5.09 -2.40
C SER B 124 2.82 -4.88 -3.15
N SER B 125 3.29 -3.64 -3.16
CA SER B 125 4.56 -3.23 -3.76
C SER B 125 5.39 -2.57 -2.68
N LYS B 126 6.43 -3.26 -2.18
CA LYS B 126 7.33 -2.74 -1.15
C LYS B 126 8.62 -2.30 -1.81
N VAL B 127 8.97 -1.05 -1.65
CA VAL B 127 10.28 -0.55 -2.07
C VAL B 127 11.16 -0.46 -0.84
N CYS B 128 12.42 -0.91 -0.97
CA CYS B 128 13.33 -1.06 0.16
C CYS B 128 14.68 -0.49 -0.22
N SER B 129 15.27 0.31 0.66
CA SER B 129 16.60 0.85 0.45
C SER B 129 17.54 0.27 1.49
N PHE B 130 18.63 -0.35 1.03
CA PHE B 130 19.54 -1.08 1.92
C PHE B 130 18.80 -2.17 2.72
N GLY B 131 17.70 -2.67 2.16
CA GLY B 131 16.95 -3.71 2.84
C GLY B 131 16.09 -3.24 3.98
N LYS B 132 15.59 -2.00 3.90
CA LYS B 132 14.67 -1.45 4.89
C LYS B 132 13.44 -0.91 4.15
N GLN B 133 12.25 -1.20 4.67
CA GLN B 133 11.03 -1.01 3.90
C GLN B 133 10.68 0.47 3.80
N VAL B 134 11.11 1.08 2.69
CA VAL B 134 10.99 2.53 2.49
C VAL B 134 9.54 2.94 2.20
N VAL B 135 8.90 2.35 1.20
CA VAL B 135 7.49 2.67 0.92
C VAL B 135 6.76 1.39 0.51
N GLU B 136 5.44 1.43 0.61
CA GLU B 136 4.59 0.28 0.37
C GLU B 136 3.28 0.79 -0.22
N LYS B 137 2.93 0.34 -1.42
CA LYS B 137 1.59 0.58 -1.96
C LYS B 137 0.82 -0.73 -1.94
N VAL B 138 -0.49 -0.66 -1.72
CA VAL B 138 -1.32 -1.86 -1.58
C VAL B 138 -2.68 -1.57 -2.21
N GLU B 139 -3.09 -2.40 -3.15
CA GLU B 139 -4.33 -2.20 -3.89
C GLU B 139 -5.06 -3.53 -3.99
N THR B 140 -6.37 -3.49 -4.16
CA THR B 140 -7.08 -4.72 -4.46
C THR B 140 -7.64 -4.64 -5.86
N GLU B 141 -7.87 -5.81 -6.47
CA GLU B 141 -8.32 -5.87 -7.85
C GLU B 141 -9.19 -7.10 -8.04
N ARG B 142 -10.35 -6.90 -8.64
CA ARG B 142 -11.34 -7.94 -8.75
C ARG B 142 -11.41 -8.36 -10.20
N ALA B 143 -11.89 -9.57 -10.44
CA ALA B 143 -11.68 -10.19 -11.73
C ALA B 143 -12.74 -9.76 -12.75
N GLN B 144 -12.30 -9.65 -14.01
CA GLN B 144 -13.19 -9.37 -15.14
C GLN B 144 -13.03 -10.49 -16.16
N LEU B 145 -14.18 -11.02 -16.62
CA LEU B 145 -14.20 -12.16 -17.53
C LEU B 145 -13.63 -11.80 -18.91
N GLU B 146 -13.26 -12.83 -19.66
CA GLU B 146 -12.53 -12.66 -20.91
C GLU B 146 -12.68 -13.96 -21.70
N ASP B 147 -11.84 -14.14 -22.73
CA ASP B 147 -11.92 -15.29 -23.62
C ASP B 147 -11.27 -16.48 -22.92
N GLY B 148 -12.06 -17.16 -22.08
CA GLY B 148 -11.61 -18.35 -21.36
C GLY B 148 -10.79 -18.10 -20.11
N ARG B 149 -10.75 -16.87 -19.60
CA ARG B 149 -9.89 -16.57 -18.48
C ARG B 149 -10.44 -15.39 -17.71
N PHE B 150 -10.13 -15.36 -16.43
CA PHE B 150 -10.32 -14.19 -15.59
C PHE B 150 -9.12 -13.26 -15.74
N VAL B 151 -9.38 -11.96 -15.90
CA VAL B 151 -8.31 -11.00 -16.10
C VAL B 151 -8.36 -9.98 -14.98
N TYR B 152 -7.19 -9.62 -14.48
CA TYR B 152 -7.04 -8.61 -13.46
C TYR B 152 -6.12 -7.54 -14.02
N ARG B 153 -6.61 -6.31 -14.05
CA ARG B 153 -5.89 -5.21 -14.67
C ARG B 153 -5.72 -4.11 -13.65
N LEU B 154 -4.46 -3.77 -13.37
CA LEU B 154 -4.10 -2.59 -12.59
C LEU B 154 -3.33 -1.71 -13.55
N LEU B 155 -4.05 -0.97 -14.40
CA LEU B 155 -3.45 -0.19 -15.46
C LEU B 155 -3.22 1.26 -15.02
N ARG B 156 -2.08 1.82 -15.42
CA ARG B 156 -1.78 3.24 -15.20
C ARG B 156 -1.87 3.65 -13.73
N SER B 157 -1.51 2.75 -12.80
CA SER B 157 -1.17 3.18 -11.44
C SER B 157 -0.22 4.36 -11.59
N PRO B 158 -0.55 5.53 -11.06
CA PRO B 158 0.41 6.65 -11.07
C PRO B 158 1.56 6.39 -10.11
N MET B 159 2.78 6.31 -10.67
CA MET B 159 4.00 6.05 -9.91
C MET B 159 4.16 7.05 -8.76
N CYS B 160 4.48 6.55 -7.56
CA CYS B 160 4.53 7.46 -6.42
C CYS B 160 5.80 8.31 -6.44
N GLU B 161 5.68 9.55 -5.94
CA GLU B 161 6.72 10.49 -6.33
C GLU B 161 8.04 10.28 -5.59
N TYR B 162 8.09 9.46 -4.52
CA TYR B 162 9.38 8.92 -4.09
C TYR B 162 10.13 8.46 -5.32
N LEU B 163 9.48 7.55 -6.07
CA LEU B 163 10.15 6.86 -7.17
C LEU B 163 10.49 7.81 -8.30
N VAL B 164 9.55 8.67 -8.70
CA VAL B 164 9.84 9.64 -9.77
C VAL B 164 11.03 10.51 -9.37
N ASN B 165 11.09 10.96 -8.11
CA ASN B 165 12.22 11.75 -7.67
C ASN B 165 13.52 10.96 -7.74
N PHE B 166 13.47 9.72 -7.21
CA PHE B 166 14.67 8.87 -7.23
C PHE B 166 15.15 8.69 -8.66
N LEU B 167 14.24 8.51 -9.61
CA LEU B 167 14.59 8.38 -11.02
C LEU B 167 15.21 9.64 -11.56
N HIS B 168 14.69 10.80 -11.19
CA HIS B 168 15.28 12.04 -11.68
C HIS B 168 16.69 12.22 -11.13
N LYS B 169 16.84 12.13 -9.80
CA LYS B 169 18.16 12.22 -9.21
C LYS B 169 19.10 11.20 -9.84
N LEU B 170 18.60 9.98 -10.02
CA LEU B 170 19.42 8.89 -10.51
C LEU B 170 19.88 9.11 -11.95
N ARG B 171 19.05 9.73 -12.77
CA ARG B 171 19.42 9.82 -14.16
C ARG B 171 20.49 10.88 -14.43
N GLN B 172 20.81 11.74 -13.47
CA GLN B 172 21.79 12.79 -13.68
C GLN B 172 23.16 12.45 -13.12
N LEU B 173 23.33 11.28 -12.51
CA LEU B 173 24.66 10.85 -12.09
C LEU B 173 25.57 10.78 -13.32
N PRO B 174 26.87 11.06 -13.17
CA PRO B 174 27.76 11.12 -14.33
C PRO B 174 28.29 9.79 -14.85
N GLU B 175 27.96 8.64 -14.25
CA GLU B 175 28.61 7.38 -14.64
C GLU B 175 27.68 6.21 -14.43
N ARG B 176 27.66 5.28 -15.39
CA ARG B 176 26.84 4.10 -15.20
C ARG B 176 27.19 3.39 -13.89
N TYR B 177 28.48 3.20 -13.62
CA TYR B 177 28.86 2.42 -12.46
C TYR B 177 28.36 3.08 -11.16
N MET B 178 28.22 4.41 -11.14
CA MET B 178 27.63 5.06 -9.96
C MET B 178 26.14 4.77 -9.85
N MET B 179 25.40 4.87 -10.97
CA MET B 179 24.01 4.44 -10.96
C MET B 179 23.86 3.02 -10.49
N ASN B 180 24.76 2.14 -10.91
CA ASN B 180 24.61 0.76 -10.52
C ASN B 180 24.99 0.54 -9.06
N SER B 181 25.93 1.32 -8.51
CA SER B 181 26.20 1.15 -7.08
C SER B 181 25.07 1.70 -6.22
N VAL B 182 24.50 2.86 -6.57
CA VAL B 182 23.25 3.27 -5.93
C VAL B 182 22.22 2.16 -6.03
N LEU B 183 21.96 1.69 -7.24
CA LEU B 183 20.86 0.76 -7.43
C LEU B 183 21.07 -0.53 -6.67
N GLU B 184 22.32 -0.86 -6.33
CA GLU B 184 22.58 -2.11 -5.61
C GLU B 184 21.87 -2.15 -4.26
N ASN B 185 21.43 -1.00 -3.74
CA ASN B 185 20.73 -0.98 -2.47
C ASN B 185 19.21 -0.87 -2.60
N PHE B 186 18.71 -0.71 -3.82
CA PHE B 186 17.31 -0.37 -4.06
C PHE B 186 16.63 -1.60 -4.61
N THR B 187 15.66 -2.12 -3.89
CA THR B 187 14.95 -3.30 -4.35
C THR B 187 13.45 -3.08 -4.19
N ILE B 188 12.70 -4.00 -4.77
CA ILE B 188 11.25 -3.96 -4.73
C ILE B 188 10.76 -5.39 -4.60
N LEU B 189 9.83 -5.60 -3.68
CA LEU B 189 9.16 -6.87 -3.44
C LEU B 189 7.68 -6.72 -3.77
N GLN B 190 7.16 -7.56 -4.67
CA GLN B 190 5.74 -7.56 -4.98
C GLN B 190 5.10 -8.84 -4.50
N VAL B 191 4.01 -8.72 -3.76
CA VAL B 191 3.32 -9.86 -3.17
C VAL B 191 1.86 -9.81 -3.56
N VAL B 192 1.43 -10.76 -4.39
CA VAL B 192 0.04 -10.91 -4.78
C VAL B 192 -0.57 -12.02 -3.92
N THR B 193 -1.66 -11.73 -3.21
CA THR B 193 -2.34 -12.77 -2.43
C THR B 193 -3.82 -12.79 -2.74
N ASN B 194 -4.47 -13.92 -2.45
CA ASN B 194 -5.94 -13.99 -2.50
C ASN B 194 -6.51 -13.17 -1.35
N ARG B 195 -7.41 -12.21 -1.63
CA ARG B 195 -7.85 -11.33 -0.54
C ARG B 195 -8.70 -12.10 0.47
N ASP B 196 -9.58 -12.97 -0.03
CA ASP B 196 -10.51 -13.69 0.82
C ASP B 196 -9.79 -14.69 1.73
N THR B 197 -8.93 -15.52 1.14
CA THR B 197 -8.28 -16.64 1.83
C THR B 197 -6.87 -16.34 2.34
N GLN B 198 -6.20 -15.32 1.78
CA GLN B 198 -4.81 -14.96 2.07
C GLN B 198 -3.80 -15.96 1.53
N GLU B 199 -4.19 -16.86 0.64
CA GLU B 199 -3.20 -17.61 -0.12
C GLU B 199 -2.27 -16.69 -0.90
N LEU B 200 -0.97 -16.87 -0.71
CA LEU B 200 0.01 -16.23 -1.57
C LEU B 200 -0.02 -16.85 -2.97
N LEU B 201 -0.13 -16.01 -4.00
CA LEU B 201 -0.18 -16.47 -5.37
C LEU B 201 1.09 -16.19 -6.14
N LEU B 202 1.70 -15.04 -5.89
CA LEU B 202 2.85 -14.60 -6.66
C LEU B 202 3.65 -13.67 -5.76
N CYS B 203 4.94 -13.97 -5.64
CA CYS B 203 5.89 -13.15 -4.91
C CYS B 203 7.10 -12.92 -5.80
N THR B 204 7.42 -11.66 -6.07
CA THR B 204 8.49 -11.29 -7.02
C THR B 204 9.46 -10.31 -6.38
N ALA B 205 10.72 -10.69 -6.29
CA ALA B 205 11.76 -9.78 -5.88
C ALA B 205 12.33 -9.18 -7.15
N TYR B 206 12.59 -7.87 -7.12
CA TYR B 206 13.18 -7.16 -8.26
C TYR B 206 14.48 -6.51 -7.83
N VAL B 207 15.52 -6.69 -8.63
CA VAL B 207 16.81 -6.06 -8.38
C VAL B 207 17.23 -5.35 -9.66
N PHE B 208 17.98 -4.27 -9.51
CA PHE B 208 17.99 -3.29 -10.58
C PHE B 208 19.41 -2.89 -10.92
N GLU B 209 19.61 -2.68 -12.21
CA GLU B 209 20.84 -2.24 -12.82
C GLU B 209 20.42 -1.37 -13.99
N VAL B 210 21.24 -0.39 -14.38
CA VAL B 210 20.82 0.40 -15.52
C VAL B 210 21.44 -0.18 -16.78
N SER B 211 20.70 -0.05 -17.87
CA SER B 211 21.15 -0.51 -19.17
C SER B 211 21.94 0.60 -19.86
N THR B 212 22.94 0.19 -20.64
CA THR B 212 23.63 1.09 -21.55
C THR B 212 22.62 1.83 -22.44
N SER B 213 22.98 3.06 -22.82
CA SER B 213 22.13 3.97 -23.60
C SER B 213 21.30 3.23 -24.64
N GLU B 214 22.00 2.49 -25.50
CA GLU B 214 21.51 2.11 -26.81
C GLU B 214 20.58 0.90 -26.75
N ARG B 215 20.86 -0.07 -25.87
CA ARG B 215 19.90 -1.12 -25.57
C ARG B 215 18.75 -0.55 -24.75
N GLY B 216 17.55 -1.04 -24.99
CA GLY B 216 16.41 -0.58 -24.24
C GLY B 216 16.43 -1.16 -22.85
N ALA B 217 15.25 -1.36 -22.27
CA ALA B 217 15.09 -2.08 -21.02
C ALA B 217 15.15 -3.58 -21.26
N GLN B 218 15.66 -4.32 -20.27
CA GLN B 218 15.71 -5.77 -20.45
C GLN B 218 15.70 -6.47 -19.10
N HIS B 219 15.37 -7.77 -19.11
CA HIS B 219 15.12 -8.45 -17.85
C HIS B 219 15.49 -9.91 -17.96
N HIS B 220 15.77 -10.51 -16.81
CA HIS B 220 16.00 -11.94 -16.71
C HIS B 220 15.25 -12.45 -15.49
N ILE B 221 14.35 -13.42 -15.71
CA ILE B 221 13.50 -13.99 -14.66
C ILE B 221 14.10 -15.30 -14.16
N TYR B 222 14.18 -15.47 -12.84
CA TYR B 222 14.66 -16.67 -12.18
C TYR B 222 13.59 -17.17 -11.22
N ARG B 223 13.77 -18.41 -10.76
CA ARG B 223 12.95 -18.98 -9.70
C ARG B 223 13.71 -18.91 -8.37
N LEU B 224 12.98 -18.73 -7.29
CA LEU B 224 13.59 -18.69 -5.97
C LEU B 224 13.36 -20.03 -5.29
N VAL B 225 14.46 -20.74 -5.03
CA VAL B 225 14.44 -22.09 -4.48
C VAL B 225 15.16 -22.08 -3.14
N ARG B 226 15.05 -23.21 -2.43
CA ARG B 226 15.63 -23.37 -1.10
C ARG B 226 15.81 -24.85 -0.78
C1 PLM C . -3.75 -0.67 7.44
O1 PLM C . -2.66 -0.42 6.84
O2 PLM C . -4.23 -1.81 7.72
C2 PLM C . -4.59 0.62 7.94
C3 PLM C . -4.40 0.95 9.47
C4 PLM C . -5.51 1.76 10.16
C5 PLM C . -5.59 1.55 11.67
C6 PLM C . -4.23 1.48 12.40
C7 PLM C . -4.33 1.33 13.93
C8 PLM C . -3.01 0.93 14.58
C9 PLM C . -3.10 0.82 16.11
CA PLM C . -1.78 1.08 16.86
CB PLM C . -1.28 2.55 16.87
CC PLM C . 0.09 2.78 16.18
CD PLM C . 0.02 3.78 14.97
CE PLM C . 1.04 3.50 13.83
CF PLM C . 1.71 4.74 13.22
CG PLM C . 0.70 5.76 12.72
O20 EUI D . 7.15 1.64 -10.50
C18 EUI D . 6.98 0.74 -9.69
C15 EUI D . 7.64 -0.57 -9.94
C14 EUI D . 7.11 -1.78 -9.48
C13 EUI D . 7.75 -2.98 -9.71
C12 EUI D . 8.90 -2.98 -10.43
F17 EUI D . 9.54 -4.15 -10.68
C11 EUI D . 9.46 -1.81 -10.91
F16 EUI D . 10.60 -1.87 -11.60
C10 EUI D . 8.84 -0.59 -10.68
N9 EUI D . 9.37 0.62 -11.15
C5 EUI D . 10.70 1.05 -11.22
C4 EUI D . 11.56 0.98 -10.12
C3 EUI D . 12.86 1.43 -10.23
C2 EUI D . 13.32 1.96 -11.42
I8 EUI D . 15.29 2.64 -11.57
C6 EUI D . 11.18 1.61 -12.40
F7 EUI D . 10.36 1.69 -13.47
C1 EUI D . 12.48 2.05 -12.50
N19 EUI D . 6.22 0.96 -8.60
C23 EUI D . 5.90 0.18 -7.39
C22 EUI D . 5.12 1.47 -6.98
C21 EUI D . 5.47 2.19 -8.31
O24 EUI D . 3.72 1.21 -6.88
C25 EUI D . 5.60 2.12 -5.71
C30 EUI D . 5.39 1.20 -4.52
C29 EUI D . 5.53 1.96 -3.21
C28 EUI D . 4.50 3.07 -3.14
C27 EUI D . 3.86 3.31 -4.48
N26 EUI D . 4.87 3.38 -5.54
#